data_8HNE
#
_entry.id   8HNE
#
_cell.length_a   32.140
_cell.length_b   76.240
_cell.length_c   78.930
_cell.angle_alpha   90.000
_cell.angle_beta   90.000
_cell.angle_gamma   90.000
#
_symmetry.space_group_name_H-M   'P 21 21 21'
#
loop_
_entity.id
_entity.type
_entity.pdbx_description
1 polymer 'Anc4, ancestral GH19 chitinase'
2 non-polymer '2-(N-MORPHOLINO)-ETHANESULFONIC ACID'
3 non-polymer 2-(2-{2-[2-(2-METHOXY-ETHOXY)-ETHOXY]-ETHOXY}-ETHOXY)-ETHANOL
4 water water
#
_entity_poly.entity_id   1
_entity_poly.type   'polypeptide(L)'
_entity_poly.pdbx_seq_one_letter_code
;MVSRSMFDQLFPNRNSFYTYDAFIAAAKSFPSFGTTGDTDVRKREIAAFFAHVSHETSGLVYIEEINQSNDYCDPSTQYP
CAPGKQYYGRGPLQLSWNYNYGPCGDALGLDLLNNPDLVAQDPVIAFKTALWFWMTPQSPKPSCHDVMTGNWTPSSADLA
AGRVPGFGVTTNIINGGLECGKGNPAQAENRVNYYKDFCNQLGVSPGSNLDCANMRPFG
;
_entity_poly.pdbx_strand_id   A
#
loop_
_chem_comp.id
_chem_comp.type
_chem_comp.name
_chem_comp.formula
1PG non-polymer 2-(2-{2-[2-(2-METHOXY-ETHOXY)-ETHOXY]-ETHOXY}-ETHOXY)-ETHANOL 'C11 H24 O6'
MES non-polymer '2-(N-MORPHOLINO)-ETHANESULFONIC ACID' 'C6 H13 N O4 S'
#
# COMPACT_ATOMS: atom_id res chain seq x y z
N MET A 1 -11.09 10.70 9.74
CA MET A 1 -11.08 10.31 8.34
C MET A 1 -11.33 11.53 7.45
N VAL A 2 -10.78 11.49 6.23
CA VAL A 2 -11.03 12.57 5.28
C VAL A 2 -12.48 12.52 4.83
N SER A 3 -13.04 13.70 4.57
CA SER A 3 -14.42 13.77 4.11
C SER A 3 -14.52 13.34 2.65
N ARG A 4 -15.76 13.18 2.19
CA ARG A 4 -16.00 12.87 0.78
C ARG A 4 -15.38 13.93 -0.11
N SER A 5 -15.54 15.20 0.25
CA SER A 5 -15.00 16.28 -0.56
C SER A 5 -13.47 16.27 -0.55
N MET A 6 -12.86 15.96 0.59
CA MET A 6 -11.40 15.91 0.63
C MET A 6 -10.87 14.77 -0.21
N PHE A 7 -11.59 13.62 -0.26
CA PHE A 7 -11.16 12.52 -1.12
C PHE A 7 -11.12 12.97 -2.58
N ASP A 8 -12.07 13.81 -2.97
CA ASP A 8 -12.08 14.38 -4.31
C ASP A 8 -10.93 15.37 -4.51
N GLN A 9 -10.53 16.09 -3.46
CA GLN A 9 -9.37 17.00 -3.57
C GLN A 9 -8.07 16.21 -3.76
N LEU A 10 -7.96 15.07 -3.07
CA LEU A 10 -6.73 14.28 -3.12
C LEU A 10 -6.64 13.43 -4.39
N PHE A 11 -7.78 12.97 -4.91
CA PHE A 11 -7.86 12.11 -6.11
C PHE A 11 -8.80 12.75 -7.13
N PRO A 12 -8.43 13.92 -7.66
CA PRO A 12 -9.35 14.64 -8.55
C PRO A 12 -9.58 13.96 -9.88
N ASN A 13 -8.68 13.08 -10.31
CA ASN A 13 -8.73 12.49 -11.65
C ASN A 13 -9.06 11.00 -11.64
N ARG A 14 -9.46 10.46 -10.51
CA ARG A 14 -9.52 9.02 -10.42
C ARG A 14 -10.62 8.46 -11.32
N ASN A 15 -10.46 7.18 -11.64
CA ASN A 15 -11.54 6.46 -12.26
C ASN A 15 -12.75 6.37 -11.33
N SER A 16 -13.95 6.47 -11.93
CA SER A 16 -15.18 6.40 -11.16
C SER A 16 -15.35 5.07 -10.46
N PHE A 17 -14.65 4.02 -10.90
CA PHE A 17 -14.65 2.74 -10.20
C PHE A 17 -14.36 2.91 -8.72
N TYR A 18 -13.39 3.77 -8.41
CA TYR A 18 -12.86 3.88 -7.06
C TYR A 18 -13.67 4.88 -6.23
N THR A 19 -14.84 4.46 -5.78
CA THR A 19 -15.72 5.40 -5.10
C THR A 19 -15.27 5.63 -3.65
N TYR A 20 -15.62 6.81 -3.13
CA TYR A 20 -15.43 7.10 -1.71
C TYR A 20 -16.18 6.09 -0.86
N ASP A 21 -17.40 5.74 -1.25
CA ASP A 21 -18.16 4.79 -0.45
C ASP A 21 -17.47 3.44 -0.38
N ALA A 22 -16.85 2.99 -1.49
CA ALA A 22 -16.12 1.73 -1.49
C ALA A 22 -14.90 1.81 -0.57
N PHE A 23 -14.19 2.94 -0.60
CA PHE A 23 -13.07 3.14 0.31
C PHE A 23 -13.51 3.11 1.76
N ILE A 24 -14.61 3.81 2.08
CA ILE A 24 -15.08 3.86 3.46
C ILE A 24 -15.54 2.48 3.93
N ALA A 25 -16.21 1.73 3.06
CA ALA A 25 -16.62 0.38 3.41
C ALA A 25 -15.41 -0.52 3.66
N ALA A 26 -14.40 -0.41 2.79
CA ALA A 26 -13.19 -1.21 2.99
C ALA A 26 -12.54 -0.84 4.30
N ALA A 27 -12.48 0.44 4.61
CA ALA A 27 -11.83 0.89 5.84
C ALA A 27 -12.57 0.41 7.09
N LYS A 28 -13.91 0.34 7.03
CA LYS A 28 -14.67 -0.22 8.14
C LYS A 28 -14.22 -1.64 8.44
N SER A 29 -13.73 -2.34 7.42
CA SER A 29 -13.21 -3.69 7.58
C SER A 29 -11.89 -3.72 8.34
N PHE A 30 -11.18 -2.60 8.37
CA PHE A 30 -9.87 -2.48 9.03
C PHE A 30 -9.98 -1.31 10.00
N PRO A 31 -10.73 -1.49 11.09
CA PRO A 31 -11.15 -0.32 11.89
C PRO A 31 -10.01 0.45 12.53
N SER A 32 -8.81 -0.12 12.63
CA SER A 32 -7.72 0.65 13.21
C SER A 32 -7.08 1.61 12.21
N PHE A 33 -7.33 1.42 10.91
CA PHE A 33 -6.77 2.32 9.91
C PHE A 33 -7.31 3.73 10.10
N GLY A 34 -6.43 4.71 10.20
CA GLY A 34 -6.85 6.07 10.34
C GLY A 34 -7.51 6.43 11.66
N THR A 35 -7.51 5.53 12.63
CA THR A 35 -8.11 5.78 13.94
C THR A 35 -7.13 5.48 15.07
N THR A 36 -5.85 5.34 14.76
CA THR A 36 -4.83 4.99 15.74
C THR A 36 -3.88 6.18 15.92
N GLY A 37 -3.80 6.68 17.17
CA GLY A 37 -2.91 7.77 17.51
C GLY A 37 -3.68 9.07 17.60
N ASP A 38 -2.93 10.15 17.87
CA ASP A 38 -3.56 11.45 17.89
C ASP A 38 -4.00 11.82 16.47
N THR A 39 -4.73 12.93 16.35
CA THR A 39 -5.33 13.24 15.06
C THR A 39 -4.30 13.62 14.00
N ASP A 40 -3.15 14.14 14.40
CA ASP A 40 -2.10 14.38 13.40
C ASP A 40 -1.56 13.06 12.87
N VAL A 41 -1.34 12.09 13.75
CA VAL A 41 -0.84 10.78 13.37
C VAL A 41 -1.82 10.09 12.44
N ARG A 42 -3.11 10.18 12.74
CA ARG A 42 -4.13 9.60 11.88
C ARG A 42 -4.05 10.19 10.48
N LYS A 43 -3.90 11.51 10.38
CA LYS A 43 -3.79 12.15 9.07
C LYS A 43 -2.51 11.75 8.36
N ARG A 44 -1.38 11.64 9.06
CA ARG A 44 -0.17 11.16 8.43
C ARG A 44 -0.37 9.76 7.87
N GLU A 45 -1.03 8.89 8.63
CA GLU A 45 -1.23 7.53 8.13
C GLU A 45 -2.03 7.53 6.84
N ILE A 46 -3.15 8.27 6.87
CA ILE A 46 -4.02 8.35 5.69
C ILE A 46 -3.26 8.92 4.50
N ALA A 47 -2.53 10.01 4.74
CA ALA A 47 -1.72 10.61 3.67
C ALA A 47 -0.68 9.63 3.14
N ALA A 48 -0.05 8.86 4.02
CA ALA A 48 0.99 7.94 3.58
C ALA A 48 0.40 6.82 2.74
N PHE A 49 -0.70 6.23 3.18
CA PHE A 49 -1.39 5.23 2.38
C PHE A 49 -1.79 5.79 1.03
N PHE A 50 -2.37 6.98 1.03
CA PHE A 50 -2.83 7.55 -0.22
C PHE A 50 -1.65 7.90 -1.13
N ALA A 51 -0.51 8.30 -0.56
CA ALA A 51 0.66 8.63 -1.38
C ALA A 51 1.14 7.41 -2.14
N HIS A 52 1.27 6.27 -1.46
CA HIS A 52 1.67 5.05 -2.14
C HIS A 52 0.64 4.64 -3.18
N VAL A 53 -0.65 4.68 -2.81
CA VAL A 53 -1.70 4.42 -3.78
C VAL A 53 -1.58 5.32 -5.01
N SER A 54 -1.39 6.62 -4.79
CA SER A 54 -1.30 7.55 -5.90
CA SER A 54 -1.31 7.54 -5.91
C SER A 54 -0.11 7.22 -6.79
N HIS A 55 1.01 6.85 -6.19
CA HIS A 55 2.17 6.45 -6.97
C HIS A 55 1.87 5.21 -7.83
N GLU A 56 1.26 4.19 -7.22
CA GLU A 56 1.09 2.91 -7.90
C GLU A 56 0.07 3.01 -9.04
N THR A 57 -0.93 3.88 -8.90
CA THR A 57 -2.05 3.91 -9.84
C THR A 57 -2.21 5.25 -10.54
N SER A 58 -1.22 6.15 -10.41
CA SER A 58 -1.29 7.48 -11.02
C SER A 58 -2.56 8.20 -10.58
N GLY A 59 -2.77 8.25 -9.27
CA GLY A 59 -3.90 9.01 -8.73
C GLY A 59 -5.22 8.27 -8.84
N LEU A 60 -5.19 6.96 -8.68
CA LEU A 60 -6.38 6.11 -8.82
C LEU A 60 -6.98 6.19 -10.23
N VAL A 61 -6.15 6.48 -11.22
CA VAL A 61 -6.57 6.44 -12.62
C VAL A 61 -6.54 5.01 -13.15
N TYR A 62 -5.56 4.24 -12.75
CA TYR A 62 -5.40 2.87 -13.24
C TYR A 62 -5.92 1.85 -12.24
N ILE A 63 -6.43 0.76 -12.80
CA ILE A 63 -6.92 -0.38 -12.04
C ILE A 63 -6.01 -1.57 -12.22
N GLU A 64 -5.55 -1.83 -13.46
CA GLU A 64 -4.73 -2.97 -13.80
C GLU A 64 -3.38 -2.50 -14.34
N GLU A 65 -2.34 -3.24 -14.00
CA GLU A 65 -1.04 -3.10 -14.64
C GLU A 65 -1.19 -3.08 -16.15
N ILE A 66 -0.47 -2.16 -16.80
CA ILE A 66 -0.59 -2.00 -18.25
C ILE A 66 -0.03 -3.22 -18.98
N ASN A 67 1.19 -3.63 -18.64
CA ASN A 67 1.79 -4.82 -19.23
C ASN A 67 1.15 -6.05 -18.60
N GLN A 68 0.43 -6.81 -19.42
CA GLN A 68 -0.22 -8.04 -18.97
C GLN A 68 0.36 -9.24 -19.69
N SER A 69 1.61 -9.12 -20.18
CA SER A 69 2.31 -10.20 -20.86
C SER A 69 2.83 -11.27 -19.91
N ASN A 70 2.96 -10.95 -18.63
CA ASN A 70 3.58 -11.84 -17.65
C ASN A 70 2.53 -12.27 -16.65
N ASP A 71 2.48 -13.57 -16.37
CA ASP A 71 1.44 -14.12 -15.51
C ASP A 71 1.69 -13.87 -14.03
N TYR A 72 2.89 -13.44 -13.63
CA TYR A 72 3.23 -13.29 -12.22
C TYR A 72 2.87 -14.55 -11.42
N CYS A 73 3.25 -15.71 -11.98
CA CYS A 73 3.06 -17.00 -11.34
C CYS A 73 4.42 -17.54 -10.90
N ASP A 74 4.58 -17.75 -9.59
CA ASP A 74 5.75 -18.44 -9.04
C ASP A 74 5.24 -19.77 -8.53
N PRO A 75 5.47 -20.87 -9.24
CA PRO A 75 4.82 -22.14 -8.89
C PRO A 75 4.93 -22.47 -7.41
N SER A 76 3.82 -22.92 -6.83
CA SER A 76 3.69 -23.08 -5.39
C SER A 76 2.72 -24.20 -5.06
N THR A 77 3.07 -24.99 -4.04
CA THR A 77 2.11 -25.94 -3.50
C THR A 77 1.15 -25.26 -2.53
N GLN A 78 1.65 -24.25 -1.81
CA GLN A 78 0.83 -23.54 -0.85
C GLN A 78 -0.20 -22.65 -1.54
N TYR A 79 0.21 -21.91 -2.58
CA TYR A 79 -0.66 -20.97 -3.29
C TYR A 79 -0.59 -21.27 -4.79
N PRO A 80 -1.19 -22.38 -5.22
CA PRO A 80 -1.04 -22.80 -6.61
C PRO A 80 -1.67 -21.85 -7.61
N CYS A 81 -0.94 -21.61 -8.70
CA CYS A 81 -1.44 -20.76 -9.77
C CYS A 81 -2.62 -21.43 -10.47
N ALA A 82 -3.68 -20.67 -10.69
CA ALA A 82 -4.86 -21.18 -11.37
C ALA A 82 -4.64 -21.19 -12.88
N PRO A 83 -4.91 -22.31 -13.55
CA PRO A 83 -4.73 -22.33 -15.02
C PRO A 83 -5.49 -21.20 -15.69
N GLY A 84 -4.79 -20.50 -16.57
CA GLY A 84 -5.38 -19.46 -17.37
C GLY A 84 -5.43 -18.10 -16.72
N LYS A 85 -5.09 -18.00 -15.44
CA LYS A 85 -5.20 -16.74 -14.71
C LYS A 85 -3.85 -16.05 -14.59
N GLN A 86 -3.89 -14.75 -14.33
CA GLN A 86 -2.68 -13.95 -14.19
C GLN A 86 -2.76 -13.09 -12.94
N TYR A 87 -1.61 -12.90 -12.29
CA TYR A 87 -1.49 -12.18 -11.03
C TYR A 87 -0.69 -10.90 -11.19
N TYR A 88 -0.86 -10.23 -12.33
CA TYR A 88 -0.30 -8.91 -12.51
C TYR A 88 -1.01 -7.91 -11.58
N GLY A 89 -0.43 -6.71 -11.48
CA GLY A 89 -0.89 -5.73 -10.54
C GLY A 89 -2.34 -5.32 -10.69
N ARG A 90 -3.08 -5.32 -9.58
CA ARG A 90 -4.46 -4.87 -9.57
C ARG A 90 -4.77 -4.06 -8.30
N GLY A 91 -5.59 -3.05 -8.44
CA GLY A 91 -6.05 -2.31 -7.30
C GLY A 91 -5.10 -1.22 -6.85
N PRO A 92 -5.45 -0.56 -5.74
CA PRO A 92 -4.76 0.67 -5.34
C PRO A 92 -3.29 0.52 -5.02
N LEU A 93 -2.86 -0.64 -4.50
CA LEU A 93 -1.44 -0.88 -4.27
C LEU A 93 -0.90 -1.94 -5.24
N GLN A 94 -1.66 -2.28 -6.28
CA GLN A 94 -1.14 -3.13 -7.35
C GLN A 94 -0.69 -4.48 -6.79
N LEU A 95 -1.59 -5.14 -6.06
CA LEU A 95 -1.40 -6.51 -5.61
C LEU A 95 -0.91 -7.38 -6.76
N SER A 96 0.20 -8.10 -6.54
CA SER A 96 0.88 -8.87 -7.58
C SER A 96 1.36 -10.19 -7.00
N TRP A 97 1.38 -11.22 -7.87
CA TRP A 97 1.92 -12.57 -7.62
C TRP A 97 0.93 -13.49 -6.93
N ASN A 98 0.88 -14.76 -7.36
CA ASN A 98 0.01 -15.74 -6.74
C ASN A 98 0.24 -15.83 -5.23
N TYR A 99 1.50 -15.68 -4.79
CA TYR A 99 1.82 -15.85 -3.39
C TYR A 99 1.44 -14.64 -2.55
N ASN A 100 0.92 -13.58 -3.16
CA ASN A 100 0.26 -12.51 -2.44
C ASN A 100 -1.24 -12.55 -2.61
N TYR A 101 -1.73 -12.85 -3.82
CA TYR A 101 -3.18 -13.00 -3.99
C TYR A 101 -3.74 -14.08 -3.05
N GLY A 102 -3.01 -15.18 -2.89
CA GLY A 102 -3.39 -16.23 -1.98
C GLY A 102 -3.69 -15.78 -0.56
N PRO A 103 -2.65 -15.31 0.15
CA PRO A 103 -2.87 -14.87 1.55
C PRO A 103 -3.81 -13.69 1.66
N CYS A 104 -3.76 -12.76 0.71
CA CYS A 104 -4.70 -11.64 0.71
C CYS A 104 -6.14 -12.13 0.66
N GLY A 105 -6.44 -13.01 -0.31
CA GLY A 105 -7.77 -13.58 -0.39
C GLY A 105 -8.17 -14.29 0.89
N ASP A 106 -7.27 -15.08 1.45
CA ASP A 106 -7.61 -15.78 2.68
C ASP A 106 -7.98 -14.79 3.79
N ALA A 107 -7.23 -13.70 3.89
CA ALA A 107 -7.51 -12.68 4.91
C ALA A 107 -8.86 -12.01 4.69
N LEU A 108 -9.24 -11.83 3.44
CA LEU A 108 -10.47 -11.15 3.09
C LEU A 108 -11.67 -12.09 2.94
N GLY A 109 -11.44 -13.41 3.03
CA GLY A 109 -12.51 -14.37 2.85
C GLY A 109 -12.92 -14.55 1.42
N LEU A 110 -11.99 -14.36 0.48
CA LEU A 110 -12.26 -14.39 -0.95
C LEU A 110 -11.28 -15.33 -1.62
N ASP A 111 -11.72 -15.98 -2.70
CA ASP A 111 -10.83 -16.85 -3.46
C ASP A 111 -10.19 -16.01 -4.57
N LEU A 112 -9.20 -15.23 -4.16
CA LEU A 112 -8.47 -14.39 -5.10
C LEU A 112 -7.41 -15.18 -5.83
N LEU A 113 -7.01 -16.31 -5.28
CA LEU A 113 -6.05 -17.13 -6.00
C LEU A 113 -6.65 -17.67 -7.28
N ASN A 114 -7.92 -18.07 -7.26
CA ASN A 114 -8.55 -18.60 -8.46
C ASN A 114 -9.33 -17.55 -9.25
N ASN A 115 -9.65 -16.43 -8.64
CA ASN A 115 -10.36 -15.33 -9.31
CA ASN A 115 -10.37 -15.35 -9.31
C ASN A 115 -9.63 -14.02 -9.09
N PRO A 116 -8.36 -13.94 -9.53
CA PRO A 116 -7.60 -12.71 -9.25
C PRO A 116 -8.14 -11.48 -9.93
N ASP A 117 -8.87 -11.64 -11.04
CA ASP A 117 -9.45 -10.50 -11.71
C ASP A 117 -10.45 -9.75 -10.83
N LEU A 118 -10.99 -10.40 -9.81
CA LEU A 118 -11.98 -9.75 -8.94
C LEU A 118 -11.45 -8.48 -8.32
N VAL A 119 -10.12 -8.39 -8.09
CA VAL A 119 -9.52 -7.21 -7.48
C VAL A 119 -9.69 -5.99 -8.37
N ALA A 120 -9.79 -6.20 -9.68
CA ALA A 120 -10.02 -5.11 -10.64
C ALA A 120 -11.47 -4.99 -11.06
N GLN A 121 -12.40 -5.64 -10.32
CA GLN A 121 -13.80 -5.71 -10.71
C GLN A 121 -14.76 -5.24 -9.62
N ASP A 122 -14.35 -5.25 -8.36
CA ASP A 122 -15.20 -4.90 -7.24
C ASP A 122 -14.40 -3.86 -6.46
N PRO A 123 -14.87 -2.62 -6.36
CA PRO A 123 -14.04 -1.57 -5.73
C PRO A 123 -13.86 -1.71 -4.22
N VAL A 124 -14.83 -2.26 -3.51
CA VAL A 124 -14.64 -2.53 -2.09
C VAL A 124 -13.52 -3.54 -1.92
N ILE A 125 -13.53 -4.59 -2.74
CA ILE A 125 -12.47 -5.58 -2.69
C ILE A 125 -11.14 -4.96 -3.08
N ALA A 126 -11.14 -4.11 -4.10
CA ALA A 126 -9.90 -3.45 -4.50
C ALA A 126 -9.27 -2.68 -3.35
N PHE A 127 -10.05 -1.84 -2.69
CA PHE A 127 -9.52 -1.10 -1.56
C PHE A 127 -9.13 -2.04 -0.40
N LYS A 128 -9.88 -3.14 -0.20
CA LYS A 128 -9.54 -4.07 0.87
C LYS A 128 -8.20 -4.73 0.61
N THR A 129 -7.85 -4.99 -0.66
CA THR A 129 -6.54 -5.62 -0.93
C THR A 129 -5.42 -4.68 -0.57
N ALA A 130 -5.61 -3.38 -0.80
CA ALA A 130 -4.58 -2.40 -0.44
C ALA A 130 -4.48 -2.26 1.07
N LEU A 131 -5.62 -2.16 1.76
CA LEU A 131 -5.60 -2.10 3.22
C LEU A 131 -5.06 -3.38 3.84
N TRP A 132 -5.34 -4.55 3.22
CA TRP A 132 -4.72 -5.78 3.69
C TRP A 132 -3.22 -5.63 3.74
N PHE A 133 -2.63 -5.19 2.63
CA PHE A 133 -1.18 -5.06 2.60
C PHE A 133 -0.72 -4.05 3.66
N TRP A 134 -1.38 -2.90 3.73
CA TRP A 134 -0.98 -1.82 4.61
C TRP A 134 -1.00 -2.22 6.07
N MET A 135 -2.02 -3.00 6.46
CA MET A 135 -2.35 -3.28 7.83
C MET A 135 -1.73 -4.55 8.36
N THR A 136 -1.14 -5.39 7.53
CA THR A 136 -0.78 -6.74 7.95
C THR A 136 0.72 -6.93 8.08
N PRO A 137 1.22 -7.22 9.27
CA PRO A 137 2.64 -7.58 9.39
C PRO A 137 2.90 -8.90 8.66
N GLN A 138 4.03 -8.97 7.98
CA GLN A 138 4.43 -10.15 7.20
C GLN A 138 5.90 -10.37 7.49
N SER A 139 6.19 -11.25 8.44
CA SER A 139 7.55 -11.38 8.96
C SER A 139 8.55 -11.45 7.81
N PRO A 140 9.68 -10.77 7.91
CA PRO A 140 10.20 -9.98 9.04
C PRO A 140 9.79 -8.51 9.01
N LYS A 141 8.81 -8.13 8.19
CA LYS A 141 8.45 -6.73 8.08
C LYS A 141 7.27 -6.40 8.99
N PRO A 142 7.29 -5.25 9.66
CA PRO A 142 6.10 -4.79 10.39
C PRO A 142 5.07 -4.32 9.39
N SER A 143 3.89 -4.03 9.87
CA SER A 143 2.92 -3.39 9.00
C SER A 143 3.25 -1.91 8.83
N CYS A 144 2.94 -1.40 7.63
CA CYS A 144 3.08 0.03 7.39
C CYS A 144 2.23 0.81 8.37
N HIS A 145 1.06 0.26 8.72
CA HIS A 145 0.23 0.86 9.74
C HIS A 145 0.99 1.10 11.04
N ASP A 146 1.66 0.07 11.55
CA ASP A 146 2.35 0.22 12.83
C ASP A 146 3.50 1.20 12.70
N VAL A 147 4.20 1.19 11.57
CA VAL A 147 5.29 2.15 11.35
C VAL A 147 4.79 3.58 11.47
N MET A 148 3.68 3.91 10.81
CA MET A 148 3.23 5.29 10.75
C MET A 148 2.51 5.73 12.01
N THR A 149 1.99 4.82 12.82
CA THR A 149 1.13 5.22 13.93
C THR A 149 1.85 5.14 15.28
N GLY A 150 3.17 4.96 15.26
CA GLY A 150 3.95 4.90 16.47
C GLY A 150 3.86 3.59 17.21
N ASN A 151 3.44 2.52 16.57
CA ASN A 151 3.27 1.23 17.24
C ASN A 151 4.35 0.20 16.87
N TRP A 152 5.28 0.54 16.00
CA TRP A 152 6.36 -0.38 15.62
C TRP A 152 7.55 -0.13 16.54
N THR A 153 8.13 -1.21 17.07
CA THR A 153 9.42 -1.13 17.77
C THR A 153 10.48 -1.66 16.82
N PRO A 154 11.26 -0.81 16.18
CA PRO A 154 12.38 -1.30 15.38
C PRO A 154 13.29 -2.15 16.25
N SER A 155 13.80 -3.24 15.68
CA SER A 155 14.82 -4.01 16.35
C SER A 155 16.16 -3.26 16.31
N SER A 156 17.10 -3.74 17.11
CA SER A 156 18.44 -3.19 17.04
C SER A 156 19.02 -3.36 15.64
N ALA A 157 18.71 -4.45 14.97
CA ALA A 157 19.16 -4.63 13.60
C ALA A 157 18.53 -3.59 12.68
N ASP A 158 17.24 -3.30 12.87
CA ASP A 158 16.57 -2.28 12.07
C ASP A 158 17.27 -0.94 12.25
N LEU A 159 17.55 -0.55 13.49
CA LEU A 159 18.16 0.75 13.72
C LEU A 159 19.53 0.83 13.06
N ALA A 160 20.32 -0.23 13.18
CA ALA A 160 21.65 -0.22 12.59
C ALA A 160 21.59 -0.11 11.08
N ALA A 161 20.55 -0.65 10.48
CA ALA A 161 20.34 -0.64 9.04
C ALA A 161 19.68 0.65 8.56
N GLY A 162 19.42 1.60 9.44
CA GLY A 162 18.79 2.84 9.04
C GLY A 162 17.29 2.77 8.98
N ARG A 163 16.69 1.66 9.36
CA ARG A 163 15.24 1.49 9.31
C ARG A 163 14.68 2.10 10.59
N VAL A 164 14.39 3.39 10.52
CA VAL A 164 13.86 4.16 11.65
C VAL A 164 12.42 4.57 11.33
N PRO A 165 11.56 4.76 12.31
CA PRO A 165 10.14 5.03 12.00
C PRO A 165 9.92 6.29 11.16
N GLY A 166 9.10 6.16 10.14
CA GLY A 166 8.73 7.25 9.28
C GLY A 166 8.28 6.73 7.92
N PHE A 167 7.99 7.67 7.03
CA PHE A 167 7.51 7.31 5.72
C PHE A 167 8.51 6.45 4.96
N GLY A 168 9.80 6.73 5.10
CA GLY A 168 10.78 5.98 4.32
C GLY A 168 10.71 4.48 4.54
N VAL A 169 10.47 4.06 5.77
CA VAL A 169 10.38 2.62 6.03
C VAL A 169 9.17 2.02 5.33
N THR A 170 8.10 2.80 5.16
CA THR A 170 6.98 2.27 4.39
C THR A 170 7.34 2.04 2.94
N THR A 171 8.11 2.94 2.31
CA THR A 171 8.59 2.65 0.95
C THR A 171 9.45 1.40 0.96
N ASN A 172 10.27 1.24 1.99
CA ASN A 172 11.13 0.07 2.10
C ASN A 172 10.33 -1.22 2.17
N ILE A 173 9.26 -1.23 2.97
CA ILE A 173 8.39 -2.39 3.07
C ILE A 173 7.76 -2.69 1.73
N ILE A 174 7.32 -1.66 1.02
CA ILE A 174 6.57 -1.85 -0.22
C ILE A 174 7.48 -2.32 -1.36
N ASN A 175 8.67 -1.73 -1.51
CA ASN A 175 9.51 -2.07 -2.66
C ASN A 175 10.96 -1.70 -2.42
N GLY A 176 11.47 -1.87 -1.19
CA GLY A 176 12.80 -1.38 -0.85
C GLY A 176 13.93 -2.05 -1.62
N GLY A 177 13.76 -3.32 -1.98
CA GLY A 177 14.80 -4.01 -2.71
C GLY A 177 15.25 -3.26 -3.94
N LEU A 178 14.33 -2.56 -4.59
CA LEU A 178 14.65 -1.76 -5.75
C LEU A 178 14.69 -0.26 -5.47
N GLU A 179 13.92 0.25 -4.51
CA GLU A 179 13.72 1.69 -4.39
C GLU A 179 14.53 2.35 -3.28
N CYS A 180 15.16 1.58 -2.39
CA CYS A 180 15.85 2.11 -1.21
C CYS A 180 17.34 1.76 -1.26
N GLY A 181 18.10 2.21 -0.27
CA GLY A 181 19.52 1.93 -0.26
C GLY A 181 20.22 2.59 -1.43
N LYS A 182 21.05 1.81 -2.13
CA LYS A 182 21.75 2.33 -3.30
C LYS A 182 20.90 2.33 -4.56
N GLY A 183 19.61 1.99 -4.48
CA GLY A 183 18.77 1.99 -5.67
C GLY A 183 18.62 3.39 -6.24
N ASN A 184 18.14 3.44 -7.47
CA ASN A 184 17.80 4.71 -8.11
C ASN A 184 16.70 5.37 -7.29
N PRO A 185 16.89 6.59 -6.79
CA PRO A 185 15.92 7.18 -5.86
C PRO A 185 14.68 7.77 -6.51
N ALA A 186 14.54 7.69 -7.83
CA ALA A 186 13.46 8.42 -8.50
C ALA A 186 12.08 7.99 -8.01
N GLN A 187 11.84 6.68 -7.92
CA GLN A 187 10.49 6.23 -7.58
C GLN A 187 10.16 6.55 -6.12
N ALA A 188 11.12 6.35 -5.21
CA ALA A 188 10.90 6.71 -3.82
C ALA A 188 10.63 8.20 -3.68
N GLU A 189 11.37 9.06 -4.42
CA GLU A 189 11.12 10.50 -4.38
C GLU A 189 9.70 10.85 -4.85
N ASN A 190 9.22 10.16 -5.87
CA ASN A 190 7.83 10.38 -6.33
C ASN A 190 6.85 10.08 -5.20
N ARG A 191 7.05 8.96 -4.48
CA ARG A 191 6.17 8.63 -3.37
C ARG A 191 6.21 9.73 -2.31
N VAL A 192 7.42 10.19 -1.96
CA VAL A 192 7.56 11.25 -0.96
C VAL A 192 6.89 12.53 -1.42
N ASN A 193 6.98 12.84 -2.72
CA ASN A 193 6.36 14.05 -3.25
C ASN A 193 4.85 14.02 -3.06
N TYR A 194 4.22 12.89 -3.36
CA TYR A 194 2.79 12.74 -3.08
C TYR A 194 2.52 12.90 -1.59
N TYR A 195 3.29 12.21 -0.76
CA TYR A 195 3.08 12.25 0.68
C TYR A 195 3.15 13.67 1.23
N LYS A 196 4.20 14.42 0.87
CA LYS A 196 4.32 15.80 1.32
C LYS A 196 3.14 16.64 0.84
N ASP A 197 2.70 16.45 -0.40
CA ASP A 197 1.57 17.22 -0.92
C ASP A 197 0.30 16.89 -0.13
N PHE A 198 0.06 15.60 0.11
CA PHE A 198 -1.16 15.23 0.84
C PHE A 198 -1.12 15.71 2.29
N CYS A 199 0.04 15.60 2.95
CA CYS A 199 0.16 16.16 4.29
C CYS A 199 -0.16 17.65 4.31
N ASN A 200 0.35 18.41 3.34
CA ASN A 200 0.01 19.83 3.25
C ASN A 200 -1.49 20.03 3.10
N GLN A 201 -2.14 19.24 2.26
CA GLN A 201 -3.59 19.35 2.12
C GLN A 201 -4.32 19.07 3.42
N LEU A 202 -3.85 18.08 4.19
CA LEU A 202 -4.49 17.74 5.44
C LEU A 202 -4.03 18.59 6.62
N GLY A 203 -3.06 19.47 6.42
CA GLY A 203 -2.62 20.38 7.48
C GLY A 203 -1.68 19.80 8.51
N VAL A 204 -0.95 18.71 8.19
CA VAL A 204 -0.03 18.12 9.12
C VAL A 204 1.37 18.08 8.53
N SER A 205 2.35 17.90 9.42
CA SER A 205 3.70 17.66 8.96
C SER A 205 3.86 16.23 8.43
N PRO A 206 4.75 16.03 7.45
CA PRO A 206 5.07 14.66 7.03
C PRO A 206 5.86 13.88 8.05
N GLY A 207 6.43 14.54 9.03
CA GLY A 207 7.24 13.85 10.00
C GLY A 207 8.65 13.62 9.49
N SER A 208 9.39 12.83 10.24
CA SER A 208 10.80 12.63 9.94
C SER A 208 11.06 11.33 9.17
N ASN A 209 12.30 11.19 8.71
CA ASN A 209 12.77 9.94 8.09
C ASN A 209 11.96 9.58 6.85
N LEU A 210 11.85 10.55 5.93
CA LEU A 210 10.99 10.37 4.77
C LEU A 210 11.65 9.55 3.66
N ASP A 211 12.96 9.69 3.51
CA ASP A 211 13.63 9.03 2.40
C ASP A 211 14.08 7.65 2.84
N CYS A 212 14.54 6.86 1.89
CA CYS A 212 15.02 5.53 2.24
C CYS A 212 16.36 5.23 1.60
N ALA A 213 17.04 6.21 1.03
CA ALA A 213 18.37 6.01 0.48
C ALA A 213 19.39 5.67 1.56
N ASN A 214 19.08 5.93 2.81
CA ASN A 214 20.01 5.69 3.90
C ASN A 214 19.58 4.49 4.74
N MET A 215 18.80 3.57 4.16
CA MET A 215 18.41 2.35 4.86
C MET A 215 18.54 1.15 3.94
N ARG A 216 18.84 -0.01 4.56
CA ARG A 216 18.88 -1.31 3.90
C ARG A 216 17.49 -1.92 3.84
N PRO A 217 17.20 -2.69 2.81
CA PRO A 217 15.97 -3.48 2.77
C PRO A 217 15.86 -4.43 3.96
N PHE A 218 14.62 -4.71 4.36
CA PHE A 218 14.39 -5.71 5.37
C PHE A 218 14.87 -7.08 4.87
N GLY A 219 15.17 -7.96 5.81
CA GLY A 219 15.47 -9.36 5.50
C GLY A 219 14.22 -10.10 5.06
O1 MES B . -2.73 -8.14 11.15
C2 MES B . -3.95 -8.51 10.54
C3 MES B . -4.78 -7.29 10.21
N4 MES B . -5.02 -6.51 11.44
C5 MES B . -3.78 -6.11 12.07
C6 MES B . -2.92 -7.35 12.32
C7 MES B . -5.96 -5.40 11.15
C8 MES B . -6.37 -4.62 12.41
S MES B . -7.85 -3.81 12.26
O1S MES B . -7.71 -2.66 11.35
O2S MES B . -8.85 -4.77 11.72
O3S MES B . -8.23 -3.31 13.61
H21 MES B . -3.74 -9.07 9.62
H22 MES B . -4.51 -9.17 11.21
H31 MES B . -5.74 -7.60 9.77
H32 MES B . -4.27 -6.67 9.47
HN4 MES B . -5.47 -7.09 12.13
H51 MES B . -3.99 -5.60 13.01
H52 MES B . -3.25 -5.43 11.42
H61 MES B . -1.95 -7.04 12.71
H62 MES B . -3.41 -7.97 13.10
H71 MES B . -6.85 -5.80 10.67
H72 MES B . -5.48 -4.71 10.45
H81 MES B . -5.60 -3.90 12.65
H82 MES B . -6.44 -5.32 13.25
O1 MES C . 4.90 -3.03 -7.16
C2 MES C . 5.49 -2.50 -5.96
C3 MES C . 5.27 -3.43 -4.77
N4 MES C . 3.86 -3.79 -4.64
C5 MES C . 3.26 -4.27 -5.88
C6 MES C . 3.51 -3.27 -7.00
C7 MES C . 3.63 -4.74 -3.51
C8 MES C . 2.15 -4.84 -3.13
S MES C . 1.63 -6.43 -2.83
O1S MES C . 1.70 -7.18 -4.13
O2S MES C . 0.23 -6.37 -2.35
O3S MES C . 2.53 -7.06 -1.85
H21 MES C . 6.55 -2.34 -6.13
H22 MES C . 5.03 -1.53 -5.75
H31 MES C . 5.61 -2.94 -3.86
H32 MES C . 5.87 -4.34 -4.91
HN4 MES C . 3.38 -2.93 -4.41
H51 MES C . 2.18 -4.40 -5.74
H52 MES C . 3.68 -5.24 -6.16
H61 MES C . 3.09 -3.63 -7.93
H62 MES C . 3.01 -2.32 -6.75
H71 MES C . 4.21 -4.41 -2.65
H72 MES C . 4.00 -5.73 -3.80
H81 MES C . 1.54 -4.41 -3.92
H82 MES C . 1.98 -4.24 -2.22
C2 1PG D . 23.82 1.29 7.27
C1 1PG D . 26.07 0.98 7.74
O1 1PG D . 25.13 1.79 7.10
O2 1PG D . 23.19 1.95 5.09
C3 1PG D . 22.86 2.06 6.46
C4 1PG D . 22.38 2.77 4.26
C5 1PG D . 22.97 2.83 2.89
O3 1PG D . 23.03 1.52 2.35
C6 1PG D . 23.19 1.54 0.94
C7 1PG D . 23.40 0.15 0.42
O4 1PG D . 22.15 -0.33 -0.07
C8 1PG D . 22.07 -1.74 -0.12
C9 1PG D . 20.70 -2.15 -0.51
O5 1PG D . 20.40 -1.67 -1.82
C10 1PG D . 19.13 -2.14 -2.27
C11 1PG D . 18.90 -1.66 -3.67
O6 1PG D . 19.67 -2.40 -4.60
H21 1PG D . 23.58 1.35 8.21
H22 1PG D . 23.80 0.36 7.00
H11 1PG D . 25.63 0.47 8.45
H12 1PG D . 26.77 1.53 8.14
H13 1PG D . 26.47 0.36 7.11
H31 1PG D . 22.90 2.99 6.72
H32 1PG D . 21.96 1.72 6.60
H41 1PG D . 22.35 3.67 4.63
H42 1PG D . 21.49 2.39 4.21
H51 1PG D . 23.87 3.20 2.94
H52 1PG D . 22.42 3.39 2.33
H61 1PG D . 23.96 2.07 0.71
H62 1PG D . 22.40 1.91 0.53
H71 1PG D . 23.71 -0.42 1.13
H72 1PG D . 24.04 0.16 -0.30
H81 1PG D . 22.28 -2.12 0.75
H82 1PG D . 22.71 -2.08 -0.77
H91 1PG D . 20.06 -1.77 0.12
H92 1PG D . 20.62 -3.11 -0.50
H101 1PG D . 18.43 -1.80 -1.69
H102 1PG D . 19.12 -3.11 -2.25
H111 1PG D . 19.15 -0.72 -3.73
H112 1PG D . 17.96 -1.76 -3.88
HO6 1PG D . 19.54 -2.06 -5.37
#